data_3DOA
#
_entry.id   3DOA
#
_cell.length_a   102.269
_cell.length_b   102.269
_cell.length_c   166.911
_cell.angle_alpha   90.00
_cell.angle_beta   90.00
_cell.angle_gamma   90.00
#
_symmetry.space_group_name_H-M   'I 41 2 2'
#
loop_
_entity.id
_entity.type
_entity.pdbx_description
1 polymer 'Fibrinogen binding protein'
2 water water
#
_entity_poly.entity_id   1
_entity_poly.type   'polypeptide(L)'
_entity_poly.pdbx_seq_one_letter_code
;MAYDGLFTKKMVESLQFLTTGRVHKINQPDNDTILMVVRQNRQNHQLLLSIHPNFSRLQLTTKKYDNPFNPPMFARVFRK
HLEGGIIESIKQIGNDRRIEIDIKSKDEIGDTIYRTVILEIMGKHSNLILVDENRKIIEGFKHLTPNTNHYRTVMPGFNY
EAPPTQHKINPYDITGAEVLKYIDFNAGNIAKQLLNQFEGFSPLITNEIVSRRQFMTSSTLPEAFDEVMAETKLPPTPIF
HKNHETGKEDFYFIKLNQFNDDTVTYDSLNDLLDRFYDARGERERVKQ
;
_entity_poly.pdbx_strand_id   A
#
# COMPACT_ATOMS: atom_id res chain seq x y z
N MET A 1 -6.60 -6.74 5.18
CA MET A 1 -7.33 -5.91 4.19
C MET A 1 -7.56 -4.42 4.59
N ALA A 2 -7.25 -3.97 5.83
CA ALA A 2 -7.38 -2.50 6.18
C ALA A 2 -6.31 -1.64 5.53
N TYR A 3 -5.16 -2.25 5.18
CA TYR A 3 -4.22 -1.63 4.20
C TYR A 3 -4.77 -1.70 2.75
N ASP A 4 -5.74 -0.84 2.48
CA ASP A 4 -6.32 -0.49 1.19
C ASP A 4 -5.42 0.07 0.13
N GLY A 5 -6.01 0.21 -1.04
CA GLY A 5 -5.61 1.21 -1.97
C GLY A 5 -5.54 2.57 -1.34
N LEU A 6 -6.64 3.05 -0.77
CA LEU A 6 -6.67 4.44 -0.28
C LEU A 6 -5.68 4.70 0.85
N PHE A 7 -5.54 3.72 1.73
CA PHE A 7 -4.51 3.80 2.77
C PHE A 7 -3.12 3.94 2.11
N THR A 8 -2.83 3.01 1.19
CA THR A 8 -1.65 3.14 0.33
C THR A 8 -1.50 4.53 -0.30
N LYS A 9 -2.55 5.08 -0.88
CA LYS A 9 -2.39 6.40 -1.47
C LYS A 9 -1.78 7.29 -0.41
N LYS A 10 -2.23 7.16 0.83
CA LYS A 10 -1.84 8.10 1.84
C LYS A 10 -0.49 7.88 2.45
N MET A 11 -0.12 6.59 2.65
CA MET A 11 1.24 6.23 3.06
C MET A 11 2.27 6.72 2.00
N VAL A 12 2.00 6.44 0.71
CA VAL A 12 2.86 6.98 -0.36
C VAL A 12 2.96 8.50 -0.25
N GLU A 13 1.88 9.23 -0.06
CA GLU A 13 2.04 10.69 0.04
C GLU A 13 3.05 11.01 1.15
N SER A 14 2.95 10.37 2.30
CA SER A 14 3.84 10.75 3.37
C SER A 14 5.33 10.31 3.14
N LEU A 15 5.60 9.49 2.13
CA LEU A 15 6.97 8.98 1.87
C LEU A 15 7.72 9.78 0.78
N GLN A 16 7.08 10.80 0.21
CA GLN A 16 7.72 11.58 -0.84
C GLN A 16 8.99 12.37 -0.39
N PHE A 17 9.06 12.72 0.88
CA PHE A 17 10.19 13.45 1.38
C PHE A 17 11.41 12.56 1.29
N LEU A 18 11.25 11.26 1.16
CA LEU A 18 12.42 10.41 0.90
C LEU A 18 12.95 10.46 -0.56
N THR A 19 12.19 10.94 -1.54
CA THR A 19 12.77 11.07 -2.91
C THR A 19 14.10 11.87 -2.94
N THR A 20 15.15 11.42 -3.64
CA THR A 20 16.51 12.01 -3.54
C THR A 20 17.40 11.36 -2.54
N GLY A 21 16.83 10.65 -1.57
CA GLY A 21 17.61 10.06 -0.51
C GLY A 21 18.38 8.92 -1.12
N ARG A 22 19.41 8.54 -0.38
CA ARG A 22 20.31 7.47 -0.70
C ARG A 22 20.00 6.22 0.14
N VAL A 23 20.02 5.07 -0.50
CA VAL A 23 19.85 3.82 0.18
C VAL A 23 21.17 3.45 0.87
N HIS A 24 21.09 3.38 2.18
CA HIS A 24 22.24 3.39 3.02
C HIS A 24 22.52 2.07 3.65
N LYS A 25 21.54 1.18 3.66
CA LYS A 25 21.58 -0.04 4.47
C LYS A 25 20.32 -0.86 4.16
N ILE A 26 20.48 -2.17 4.15
CA ILE A 26 19.32 -3.02 3.92
C ILE A 26 19.45 -4.25 4.77
N ASN A 27 18.53 -4.44 5.73
CA ASN A 27 18.49 -5.66 6.48
C ASN A 27 17.19 -6.44 6.30
N GLN A 28 17.13 -7.60 6.93
CA GLN A 28 16.03 -8.53 6.77
C GLN A 28 15.96 -9.16 8.13
N PRO A 29 15.12 -8.62 9.01
CA PRO A 29 15.13 -9.14 10.38
C PRO A 29 14.41 -10.45 10.53
N ASP A 30 13.65 -10.87 9.51
CA ASP A 30 13.00 -12.20 9.46
C ASP A 30 12.64 -12.56 8.02
N ASN A 31 12.00 -13.72 7.82
CA ASN A 31 11.70 -14.17 6.47
C ASN A 31 10.66 -13.40 5.76
N ASP A 32 10.02 -12.47 6.43
CA ASP A 32 8.86 -11.76 5.89
C ASP A 32 9.12 -10.26 5.78
N THR A 33 10.33 -9.81 6.09
CA THR A 33 10.51 -8.40 6.29
C THR A 33 11.82 -7.87 5.80
N ILE A 34 11.71 -6.75 5.08
CA ILE A 34 12.85 -5.99 4.66
C ILE A 34 12.78 -4.61 5.26
N LEU A 35 13.92 -4.26 5.82
CA LEU A 35 14.17 -3.02 6.51
C LEU A 35 15.15 -2.28 5.65
N MET A 36 14.79 -1.11 5.15
CA MET A 36 15.66 -0.46 4.16
C MET A 36 15.95 0.92 4.72
N VAL A 37 17.18 1.20 5.19
CA VAL A 37 17.41 2.58 5.68
C VAL A 37 17.83 3.61 4.60
N VAL A 38 17.07 4.69 4.51
CA VAL A 38 17.27 5.74 3.57
C VAL A 38 17.83 6.95 4.28
N ARG A 39 18.94 7.45 3.77
CA ARG A 39 19.66 8.57 4.36
C ARG A 39 19.43 9.76 3.45
N GLN A 40 18.79 10.77 4.01
CA GLN A 40 18.38 11.96 3.30
C GLN A 40 19.05 13.02 4.14
N ASN A 41 19.75 13.98 3.54
CA ASN A 41 20.54 14.95 4.29
C ASN A 41 21.15 14.42 5.62
N ARG A 42 21.83 13.31 5.58
CA ARG A 42 22.60 12.82 6.73
C ARG A 42 21.84 12.32 7.95
N GLN A 43 20.54 12.10 7.81
CA GLN A 43 19.74 11.46 8.82
C GLN A 43 19.21 10.22 8.23
N ASN A 44 19.12 9.18 9.03
CA ASN A 44 18.60 7.93 8.55
C ASN A 44 17.12 7.81 8.83
N HIS A 45 16.45 7.06 7.97
CA HIS A 45 15.02 6.73 8.06
C HIS A 45 14.80 5.22 7.79
N GLN A 46 14.15 4.49 8.70
CA GLN A 46 13.91 3.03 8.57
C GLN A 46 12.56 2.73 7.88
N LEU A 47 12.63 2.27 6.64
CA LEU A 47 11.48 1.93 5.81
C LEU A 47 11.24 0.43 5.97
N LEU A 48 10.07 0.06 6.48
CA LEU A 48 9.78 -1.34 6.67
C LEU A 48 8.81 -1.78 5.62
N LEU A 49 9.18 -2.91 5.03
CA LEU A 49 8.47 -3.49 3.94
C LEU A 49 8.21 -4.91 4.40
N SER A 50 6.97 -5.25 4.76
CA SER A 50 6.64 -6.60 5.27
C SER A 50 5.76 -7.24 4.29
N ILE A 51 5.96 -8.51 4.12
CA ILE A 51 5.33 -9.31 3.11
C ILE A 51 4.46 -10.30 3.90
N HIS A 52 4.35 -10.09 5.22
CA HIS A 52 3.76 -11.07 6.11
C HIS A 52 2.28 -11.33 5.76
N PRO A 53 1.85 -12.62 5.75
CA PRO A 53 0.53 -13.01 5.21
C PRO A 53 -0.64 -12.33 5.89
N ASN A 54 -0.48 -12.02 7.16
CA ASN A 54 -1.46 -11.17 7.84
C ASN A 54 -1.12 -9.72 7.84
N PHE A 55 0.15 -9.36 8.11
CA PHE A 55 0.54 -8.00 8.44
C PHE A 55 1.20 -7.23 7.31
N SER A 56 1.21 -7.81 6.12
CA SER A 56 1.79 -7.12 4.97
C SER A 56 1.54 -5.65 5.02
N ARG A 57 2.54 -4.81 4.72
CA ARG A 57 2.44 -3.36 4.86
C ARG A 57 3.76 -2.61 4.53
N LEU A 58 3.68 -1.27 4.49
CA LEU A 58 4.80 -0.39 4.17
C LEU A 58 4.77 0.84 5.09
N GLN A 59 5.84 1.09 5.81
CA GLN A 59 5.77 2.18 6.72
C GLN A 59 7.20 2.61 7.04
N LEU A 60 7.38 3.79 7.62
CA LEU A 60 8.60 4.09 8.35
C LEU A 60 8.40 3.64 9.77
N THR A 61 9.43 3.23 10.47
CA THR A 61 9.25 2.81 11.84
C THR A 61 10.39 3.20 12.74
N THR A 62 10.28 2.78 13.99
CA THR A 62 11.31 2.99 14.98
C THR A 62 11.64 1.66 15.61
N LYS A 63 12.90 1.31 15.68
CA LYS A 63 13.28 -0.07 15.79
C LYS A 63 12.06 -0.89 15.46
N PRO A 71 23.52 -11.67 7.62
CA PRO A 71 22.72 -11.02 6.50
C PRO A 71 22.43 -12.05 5.41
N PRO A 72 21.15 -12.36 5.18
CA PRO A 72 20.77 -13.39 4.19
C PRO A 72 20.65 -12.96 2.72
N MET A 73 20.67 -13.99 1.87
CA MET A 73 20.72 -13.89 0.43
C MET A 73 19.93 -12.71 -0.12
N PHE A 74 18.67 -12.61 0.28
CA PHE A 74 17.79 -11.70 -0.41
C PHE A 74 18.20 -10.28 -0.10
N ALA A 75 18.57 -10.04 1.14
CA ALA A 75 19.12 -8.75 1.60
C ALA A 75 20.43 -8.48 0.84
N ARG A 76 21.27 -9.51 0.70
CA ARG A 76 22.52 -9.41 -0.07
C ARG A 76 22.20 -8.90 -1.49
N VAL A 77 21.31 -9.60 -2.17
CA VAL A 77 20.98 -9.23 -3.50
C VAL A 77 20.58 -7.80 -3.49
N PHE A 78 19.78 -7.42 -2.51
CA PHE A 78 19.34 -6.03 -2.45
C PHE A 78 20.47 -4.97 -2.28
N ARG A 79 21.39 -5.22 -1.38
CA ARG A 79 22.54 -4.36 -1.23
C ARG A 79 23.34 -4.22 -2.52
N LYS A 80 23.63 -5.35 -3.17
CA LYS A 80 24.33 -5.37 -4.44
C LYS A 80 23.78 -4.36 -5.41
N HIS A 81 22.48 -4.38 -5.59
CA HIS A 81 21.85 -3.54 -6.61
C HIS A 81 21.40 -2.18 -6.12
N LEU A 82 21.17 -2.01 -4.82
CA LEU A 82 20.51 -0.78 -4.34
C LEU A 82 21.36 0.04 -3.38
N GLU A 83 22.14 -0.64 -2.56
CA GLU A 83 22.95 0.05 -1.58
C GLU A 83 23.83 0.96 -2.38
N GLY A 84 23.79 2.21 -2.00
CA GLY A 84 24.44 3.26 -2.76
C GLY A 84 23.51 4.22 -3.48
N GLY A 85 22.41 3.69 -4.01
CA GLY A 85 21.52 4.38 -4.95
C GLY A 85 20.73 5.55 -4.43
N ILE A 86 20.18 6.31 -5.35
CA ILE A 86 19.30 7.36 -5.00
C ILE A 86 17.89 6.93 -5.38
N ILE A 87 16.94 7.43 -4.59
CA ILE A 87 15.53 7.13 -4.80
C ILE A 87 15.07 8.22 -5.69
N GLU A 88 14.69 7.80 -6.86
CA GLU A 88 14.22 8.75 -7.85
C GLU A 88 12.74 8.97 -7.76
N SER A 89 12.01 7.96 -7.27
CA SER A 89 10.55 7.98 -7.22
C SER A 89 10.01 6.85 -6.35
N ILE A 90 8.92 7.20 -5.62
CA ILE A 90 8.07 6.28 -4.90
C ILE A 90 6.66 6.62 -5.29
N LYS A 91 5.94 5.62 -5.79
CA LYS A 91 4.66 5.85 -6.43
C LYS A 91 3.78 4.58 -6.25
N GLN A 92 2.48 4.73 -6.48
CA GLN A 92 1.47 3.71 -6.28
C GLN A 92 1.00 3.42 -7.64
N ILE A 93 0.71 2.15 -7.94
CA ILE A 93 0.21 1.81 -9.27
C ILE A 93 -1.30 1.89 -9.24
N GLY A 94 -1.81 2.91 -9.91
CA GLY A 94 -3.24 3.20 -9.89
C GLY A 94 -3.68 3.46 -8.48
N ASN A 95 -4.87 2.89 -8.19
CA ASN A 95 -5.37 2.78 -6.78
C ASN A 95 -5.15 1.40 -6.14
N ASP A 96 -4.24 0.58 -6.70
CA ASP A 96 -4.02 -0.78 -6.24
C ASP A 96 -3.17 -0.75 -5.01
N ARG A 97 -3.03 -1.90 -4.38
CA ARG A 97 -2.21 -2.10 -3.18
C ARG A 97 -0.72 -2.53 -3.56
N ARG A 98 -0.09 -1.61 -4.29
CA ARG A 98 1.17 -1.73 -4.95
C ARG A 98 1.96 -0.41 -4.94
N ILE A 99 3.17 -0.53 -4.41
CA ILE A 99 4.11 0.56 -4.40
C ILE A 99 5.40 0.08 -5.14
N GLU A 100 5.91 1.03 -5.94
CA GLU A 100 7.09 0.90 -6.73
C GLU A 100 8.04 2.06 -6.35
N ILE A 101 9.20 1.66 -5.86
CA ILE A 101 10.27 2.59 -5.58
C ILE A 101 11.32 2.39 -6.66
N ASP A 102 11.68 3.52 -7.29
CA ASP A 102 12.61 3.63 -8.40
C ASP A 102 13.96 4.11 -7.88
N ILE A 103 14.95 3.25 -8.00
CA ILE A 103 16.31 3.59 -7.58
C ILE A 103 17.28 3.62 -8.78
N LYS A 104 18.16 4.62 -8.80
CA LYS A 104 19.28 4.67 -9.75
C LYS A 104 20.58 4.45 -8.97
N SER A 105 21.44 3.55 -9.39
CA SER A 105 22.63 3.18 -8.63
C SER A 105 23.79 2.84 -9.56
N LYS A 106 24.90 2.34 -9.04
CA LYS A 106 26.03 1.84 -9.82
C LYS A 106 26.21 0.36 -9.62
N ASP A 107 26.60 -0.34 -10.66
CA ASP A 107 27.11 -1.69 -10.49
C ASP A 107 28.53 -1.72 -10.04
N GLU A 108 28.99 -2.95 -9.92
CA GLU A 108 30.38 -3.27 -9.53
C GLU A 108 31.49 -2.46 -10.12
N ILE A 109 31.48 -2.36 -11.45
CA ILE A 109 32.47 -1.55 -12.17
C ILE A 109 32.03 -0.13 -12.43
N GLY A 110 31.17 0.42 -11.58
CA GLY A 110 30.73 1.79 -11.70
C GLY A 110 29.70 2.11 -12.75
N ASP A 111 29.27 1.23 -13.62
CA ASP A 111 28.32 1.72 -14.65
C ASP A 111 26.96 1.91 -14.05
N THR A 112 26.22 2.97 -14.44
CA THR A 112 24.88 3.25 -13.78
C THR A 112 23.83 2.17 -14.11
N ILE A 113 23.08 1.76 -13.08
CA ILE A 113 21.98 0.79 -13.21
C ILE A 113 20.70 1.42 -12.65
N TYR A 114 19.60 1.07 -13.30
CA TYR A 114 18.29 1.55 -12.96
C TYR A 114 17.48 0.33 -12.46
N ARG A 115 17.03 0.41 -11.21
CA ARG A 115 16.24 -0.63 -10.50
C ARG A 115 14.88 -0.12 -9.96
N THR A 116 13.88 -1.02 -9.92
CA THR A 116 12.61 -0.76 -9.24
C THR A 116 12.30 -1.86 -8.21
N VAL A 117 12.04 -1.43 -6.97
CA VAL A 117 11.50 -2.32 -5.94
C VAL A 117 9.96 -2.24 -5.97
N ILE A 118 9.30 -3.38 -6.14
CA ILE A 118 7.82 -3.50 -6.17
C ILE A 118 7.29 -4.25 -4.91
N LEU A 119 6.54 -3.54 -4.05
CA LEU A 119 5.83 -4.16 -2.93
C LEU A 119 4.36 -4.31 -3.35
N GLU A 120 3.90 -5.55 -3.29
CA GLU A 120 2.54 -5.91 -3.56
C GLU A 120 1.98 -6.41 -2.27
N ILE A 121 1.02 -5.68 -1.71
CA ILE A 121 0.39 -6.06 -0.45
C ILE A 121 -0.93 -6.79 -0.69
N MET A 122 -0.87 -8.13 -0.62
CA MET A 122 -2.05 -8.95 -0.83
C MET A 122 -2.08 -10.13 0.14
N GLY A 123 -2.24 -9.81 1.41
CA GLY A 123 -2.33 -10.82 2.43
C GLY A 123 -1.28 -11.87 2.23
N LYS A 124 -1.70 -13.07 1.92
CA LYS A 124 -0.76 -14.15 1.80
C LYS A 124 -0.17 -14.18 0.43
N HIS A 125 -0.67 -13.34 -0.44
CA HIS A 125 -0.08 -13.16 -1.80
C HIS A 125 0.82 -11.92 -1.89
N SER A 126 1.26 -11.50 -0.72
CA SER A 126 2.21 -10.44 -0.65
C SER A 126 3.58 -10.90 -1.18
N ASN A 127 4.24 -9.98 -1.92
CA ASN A 127 5.60 -10.18 -2.45
C ASN A 127 6.35 -8.85 -2.50
N LEU A 128 7.66 -9.01 -2.39
CA LEU A 128 8.62 -7.95 -2.60
C LEU A 128 9.54 -8.43 -3.78
N ILE A 129 9.69 -7.55 -4.79
CA ILE A 129 10.29 -7.90 -6.08
C ILE A 129 11.13 -6.75 -6.70
N LEU A 130 12.29 -7.16 -7.22
CA LEU A 130 13.27 -6.24 -7.76
C LEU A 130 13.33 -6.52 -9.24
N VAL A 131 13.23 -5.47 -10.03
CA VAL A 131 13.25 -5.62 -11.45
C VAL A 131 14.16 -4.51 -11.97
N ASP A 132 14.59 -4.63 -13.23
CA ASP A 132 15.39 -3.58 -13.88
C ASP A 132 14.47 -2.64 -14.63
N GLU A 133 15.07 -1.66 -15.28
CA GLU A 133 14.34 -0.66 -16.11
C GLU A 133 13.53 -1.24 -17.25
N ASN A 134 13.89 -2.45 -17.70
CA ASN A 134 12.98 -3.17 -18.60
C ASN A 134 11.97 -4.18 -17.97
N ARG A 135 11.79 -4.10 -16.62
CA ARG A 135 10.97 -5.03 -15.85
C ARG A 135 11.43 -6.51 -15.84
N LYS A 136 12.69 -6.81 -16.17
CA LYS A 136 13.22 -8.17 -16.05
C LYS A 136 13.30 -8.33 -14.51
N ILE A 137 12.75 -9.42 -13.98
CA ILE A 137 12.76 -9.63 -12.52
C ILE A 137 14.17 -9.98 -12.14
N ILE A 138 14.81 -9.24 -11.26
CA ILE A 138 16.12 -9.66 -10.76
C ILE A 138 15.94 -10.69 -9.67
N GLU A 139 15.07 -10.41 -8.69
CA GLU A 139 14.81 -11.40 -7.58
C GLU A 139 13.45 -11.12 -6.95
N GLY A 140 12.94 -12.17 -6.32
CA GLY A 140 11.66 -12.19 -5.60
C GLY A 140 11.76 -12.71 -4.17
N PHE A 141 11.26 -11.92 -3.22
CA PHE A 141 11.24 -12.42 -1.87
C PHE A 141 10.48 -13.73 -1.86
N LYS A 142 9.52 -13.91 -2.75
CA LYS A 142 8.87 -15.20 -2.95
C LYS A 142 8.78 -15.54 -4.44
N HIS A 143 9.02 -16.80 -4.77
CA HIS A 143 8.92 -17.30 -6.15
C HIS A 143 7.58 -17.95 -6.51
N LEU A 144 7.02 -17.58 -7.66
CA LEU A 144 5.91 -18.28 -8.29
C LEU A 144 6.41 -19.06 -9.48
N THR A 145 6.41 -20.38 -9.35
CA THR A 145 6.91 -21.25 -10.37
C THR A 145 5.86 -21.85 -11.31
N PRO A 146 4.58 -21.92 -10.85
CA PRO A 146 3.75 -23.16 -11.21
C PRO A 146 3.91 -23.74 -12.62
N ARG A 152 1.26 -16.46 -14.42
CA ARG A 152 2.30 -15.57 -13.91
C ARG A 152 3.46 -16.33 -13.30
N THR A 153 4.69 -15.91 -13.59
CA THR A 153 5.86 -16.55 -13.04
C THR A 153 6.68 -15.44 -12.40
N VAL A 154 7.22 -15.71 -11.23
CA VAL A 154 7.96 -14.70 -10.50
C VAL A 154 9.23 -15.39 -10.11
N MET A 155 10.08 -15.53 -11.14
CA MET A 155 11.46 -16.02 -10.98
C MET A 155 12.39 -15.01 -11.70
N PRO A 156 13.69 -14.98 -11.32
CA PRO A 156 14.70 -14.04 -11.83
C PRO A 156 14.92 -14.04 -13.37
N GLY A 157 14.53 -15.06 -14.08
CA GLY A 157 14.48 -14.78 -15.51
C GLY A 157 13.57 -13.66 -16.06
N PHE A 158 12.44 -13.40 -15.44
CA PHE A 158 11.24 -13.19 -16.22
C PHE A 158 10.76 -11.81 -16.12
N ASN A 159 9.82 -11.46 -16.98
CA ASN A 159 9.23 -10.11 -16.91
C ASN A 159 8.16 -9.99 -15.88
N TYR A 160 8.26 -9.02 -15.00
CA TYR A 160 7.15 -8.76 -14.08
C TYR A 160 5.88 -8.38 -14.78
N GLU A 161 4.83 -9.06 -14.34
CA GLU A 161 3.44 -8.82 -14.68
C GLU A 161 2.59 -8.55 -13.46
N ALA A 162 1.78 -7.50 -13.54
CA ALA A 162 0.91 -7.12 -12.44
C ALA A 162 0.08 -8.31 -11.96
N PRO A 163 -0.66 -8.11 -10.87
CA PRO A 163 -1.50 -9.18 -10.30
C PRO A 163 -2.67 -9.53 -11.22
N PRO A 164 -3.40 -10.58 -10.88
CA PRO A 164 -4.55 -11.01 -11.68
C PRO A 164 -5.44 -9.83 -12.07
N THR A 165 -6.29 -9.41 -11.14
CA THR A 165 -7.19 -8.29 -11.39
C THR A 165 -8.52 -8.76 -11.97
N GLN A 166 -9.56 -7.96 -11.76
CA GLN A 166 -10.86 -8.30 -12.26
C GLN A 166 -11.26 -7.12 -13.10
N HIS A 167 -10.29 -6.47 -13.68
CA HIS A 167 -10.65 -5.32 -14.45
C HIS A 167 -11.60 -4.56 -13.56
N LYS A 168 -11.03 -3.89 -12.59
CA LYS A 168 -11.78 -3.07 -11.70
C LYS A 168 -11.57 -1.67 -12.19
N ILE A 169 -12.22 -0.70 -11.57
CA ILE A 169 -12.09 0.67 -11.97
C ILE A 169 -11.42 1.45 -10.88
N ASN A 170 -10.73 2.51 -11.27
CA ASN A 170 -10.05 3.37 -10.32
C ASN A 170 -11.10 4.39 -9.80
N PRO A 171 -11.43 4.29 -8.51
CA PRO A 171 -12.37 5.17 -7.95
C PRO A 171 -11.98 6.59 -8.16
N TYR A 172 -10.71 6.89 -8.38
CA TYR A 172 -10.41 8.28 -8.63
C TYR A 172 -10.75 8.70 -10.03
N ASP A 173 -11.04 7.78 -10.95
CA ASP A 173 -11.25 8.16 -12.37
C ASP A 173 -12.72 8.28 -12.74
N ILE A 174 -13.56 8.35 -11.73
CA ILE A 174 -14.98 8.13 -11.94
C ILE A 174 -15.69 9.09 -11.00
N THR A 175 -16.85 9.58 -11.45
CA THR A 175 -17.69 10.43 -10.60
C THR A 175 -18.79 9.58 -10.02
N GLY A 176 -19.44 10.13 -9.00
CA GLY A 176 -20.51 9.37 -8.35
C GLY A 176 -21.65 9.10 -9.31
N ALA A 177 -21.99 10.12 -10.14
CA ALA A 177 -23.08 9.96 -11.11
C ALA A 177 -22.80 8.75 -11.95
N GLU A 178 -21.49 8.52 -12.25
CA GLU A 178 -21.01 7.48 -13.16
C GLU A 178 -20.95 6.09 -12.53
N VAL A 179 -20.61 6.03 -11.24
CA VAL A 179 -20.72 4.78 -10.44
C VAL A 179 -22.04 4.01 -10.62
N LEU A 180 -23.14 4.76 -10.78
CA LEU A 180 -24.44 4.13 -10.84
C LEU A 180 -24.46 3.06 -11.86
N LYS A 181 -23.88 3.31 -13.02
CA LYS A 181 -23.80 2.26 -14.06
C LYS A 181 -23.45 0.86 -13.56
N TYR A 182 -22.68 0.78 -12.50
CA TYR A 182 -22.15 -0.52 -12.04
C TYR A 182 -22.86 -1.09 -10.81
N ILE A 183 -24.02 -0.52 -10.43
CA ILE A 183 -24.77 -0.89 -9.20
C ILE A 183 -26.20 -1.27 -9.52
N ASP A 184 -26.62 -2.46 -9.08
CA ASP A 184 -28.00 -2.88 -9.16
C ASP A 184 -28.58 -2.66 -7.75
N PHE A 185 -29.42 -1.66 -7.59
CA PHE A 185 -29.89 -1.36 -6.26
C PHE A 185 -30.78 -2.50 -5.73
N ASN A 186 -31.48 -3.18 -6.65
CA ASN A 186 -32.32 -4.29 -6.30
C ASN A 186 -31.53 -5.52 -5.79
N ALA A 187 -30.21 -5.52 -5.89
CA ALA A 187 -29.46 -6.75 -5.74
C ALA A 187 -29.32 -7.23 -4.27
N GLY A 188 -29.05 -6.37 -3.29
CA GLY A 188 -28.06 -5.33 -3.36
C GLY A 188 -27.29 -5.28 -2.04
N ASN A 189 -26.08 -5.81 -1.95
CA ASN A 189 -25.27 -5.44 -0.79
C ASN A 189 -24.40 -4.35 -1.32
N ILE A 190 -24.91 -3.13 -1.29
CA ILE A 190 -24.16 -2.06 -1.90
C ILE A 190 -22.66 -2.06 -1.55
N ALA A 191 -22.27 -2.18 -0.28
CA ALA A 191 -20.85 -2.24 0.00
C ALA A 191 -20.14 -3.35 -0.78
N LYS A 192 -20.70 -4.54 -0.81
CA LYS A 192 -20.09 -5.68 -1.55
C LYS A 192 -19.90 -5.43 -3.07
N GLN A 193 -20.83 -4.68 -3.64
CA GLN A 193 -20.82 -4.33 -5.05
C GLN A 193 -19.73 -3.31 -5.26
N LEU A 194 -19.60 -2.39 -4.31
CA LEU A 194 -18.59 -1.38 -4.48
C LEU A 194 -17.23 -2.08 -4.34
N LEU A 195 -17.11 -3.03 -3.41
CA LEU A 195 -15.88 -3.79 -3.29
C LEU A 195 -15.59 -4.55 -4.58
N ASN A 196 -16.57 -5.11 -5.22
CA ASN A 196 -16.27 -5.85 -6.42
C ASN A 196 -15.88 -5.03 -7.61
N GLN A 197 -16.18 -3.73 -7.67
CA GLN A 197 -15.95 -3.02 -8.95
C GLN A 197 -14.83 -2.05 -8.92
N PHE A 198 -14.37 -1.73 -7.71
CA PHE A 198 -13.45 -0.62 -7.52
C PHE A 198 -12.12 -1.05 -6.95
N GLU A 199 -11.08 -0.65 -7.67
CA GLU A 199 -9.66 -1.05 -7.39
C GLU A 199 -9.24 -0.48 -6.07
N GLY A 200 -8.66 -1.32 -5.27
CA GLY A 200 -8.17 -0.85 -4.00
C GLY A 200 -9.16 -0.54 -2.89
N PHE A 201 -10.43 -0.87 -3.08
CA PHE A 201 -11.41 -0.73 -1.99
C PHE A 201 -11.32 -1.84 -0.96
N SER A 202 -11.85 -1.56 0.22
CA SER A 202 -11.98 -2.50 1.34
C SER A 202 -13.38 -2.37 1.96
N PRO A 203 -13.80 -3.42 2.67
CA PRO A 203 -14.92 -3.41 3.55
C PRO A 203 -15.05 -2.09 4.33
N LEU A 204 -13.97 -1.71 5.02
CA LEU A 204 -13.96 -0.49 5.78
C LEU A 204 -14.51 0.65 5.00
N ILE A 205 -13.93 0.88 3.82
CA ILE A 205 -14.32 2.09 3.10
C ILE A 205 -15.71 1.91 2.41
N THR A 206 -15.97 0.71 1.89
CA THR A 206 -17.28 0.44 1.29
C THR A 206 -18.38 0.64 2.34
N ASN A 207 -18.18 0.08 3.53
CA ASN A 207 -19.17 0.25 4.59
C ASN A 207 -19.29 1.71 4.99
N GLU A 208 -18.17 2.38 5.11
CA GLU A 208 -18.24 3.82 5.34
C GLU A 208 -19.11 4.65 4.34
N ILE A 209 -19.00 4.36 3.04
CA ILE A 209 -19.66 5.16 2.02
C ILE A 209 -21.17 4.97 2.15
N VAL A 210 -21.56 3.69 2.15
CA VAL A 210 -22.94 3.20 2.38
C VAL A 210 -23.59 3.83 3.61
N SER A 211 -22.78 4.00 4.66
CA SER A 211 -23.12 4.76 5.90
C SER A 211 -23.24 6.26 5.83
N ARG A 212 -23.03 6.88 4.70
CA ARG A 212 -23.02 8.34 4.72
C ARG A 212 -24.30 8.99 4.27
N ARG A 213 -25.37 8.24 4.24
CA ARG A 213 -26.68 8.76 4.06
C ARG A 213 -27.51 7.71 4.68
N GLN A 214 -28.77 7.99 4.89
CA GLN A 214 -29.60 7.07 5.60
C GLN A 214 -29.94 5.93 4.73
N PHE A 215 -29.98 6.18 3.44
CA PHE A 215 -30.35 5.12 2.55
C PHE A 215 -29.54 5.12 1.31
N MET A 216 -29.29 3.95 0.77
CA MET A 216 -28.53 3.89 -0.48
C MET A 216 -29.55 3.80 -1.63
N THR A 217 -29.53 4.80 -2.52
CA THR A 217 -30.44 4.93 -3.67
C THR A 217 -29.65 5.59 -4.78
N SER A 218 -30.23 5.67 -5.97
CA SER A 218 -29.63 6.38 -7.10
C SER A 218 -29.38 7.89 -6.86
N SER A 219 -30.17 8.56 -6.01
CA SER A 219 -29.81 9.94 -5.62
C SER A 219 -28.72 10.01 -4.58
N THR A 220 -28.68 9.07 -3.65
CA THR A 220 -27.79 9.29 -2.52
C THR A 220 -26.39 8.72 -2.69
N LEU A 221 -26.31 7.58 -3.40
CA LEU A 221 -25.07 6.82 -3.52
C LEU A 221 -24.02 7.74 -4.07
N PRO A 222 -24.32 8.44 -5.20
CA PRO A 222 -23.35 9.37 -5.77
C PRO A 222 -22.81 10.37 -4.79
N GLU A 223 -23.70 10.97 -4.01
CA GLU A 223 -23.33 11.91 -2.96
C GLU A 223 -22.38 11.30 -1.96
N ALA A 224 -22.69 10.08 -1.52
CA ALA A 224 -21.88 9.43 -0.51
C ALA A 224 -20.45 9.20 -1.08
N PHE A 225 -20.41 8.47 -2.19
CA PHE A 225 -19.19 8.27 -2.92
C PHE A 225 -18.33 9.56 -3.04
N ASP A 226 -18.88 10.59 -3.66
CA ASP A 226 -18.10 11.78 -3.89
C ASP A 226 -17.60 12.32 -2.54
N GLU A 227 -18.50 12.45 -1.59
CA GLU A 227 -18.15 12.95 -0.27
C GLU A 227 -16.93 12.20 0.25
N VAL A 228 -16.98 10.89 0.18
CA VAL A 228 -15.87 10.13 0.75
C VAL A 228 -14.57 10.28 -0.03
N MET A 229 -14.65 10.22 -1.36
CA MET A 229 -13.45 10.31 -2.16
C MET A 229 -12.85 11.70 -2.03
N ALA A 230 -13.67 12.72 -1.88
CA ALA A 230 -13.10 14.05 -1.51
C ALA A 230 -12.30 13.99 -0.18
N GLU A 231 -12.87 13.39 0.85
CA GLU A 231 -12.15 13.31 2.09
C GLU A 231 -10.78 12.56 1.96
N THR A 232 -10.71 11.62 1.02
CA THR A 232 -9.44 10.87 0.88
C THR A 232 -8.33 11.79 0.43
N LYS A 233 -8.69 12.90 -0.20
CA LYS A 233 -7.71 13.84 -0.71
C LYS A 233 -7.28 14.81 0.34
N LEU A 234 -7.90 14.78 1.51
CA LEU A 234 -7.46 15.66 2.55
C LEU A 234 -6.34 14.96 3.31
N PRO A 235 -5.49 15.73 3.99
CA PRO A 235 -4.50 15.09 4.84
C PRO A 235 -5.21 14.22 5.90
N PRO A 236 -4.63 13.08 6.26
CA PRO A 236 -5.43 12.11 6.95
C PRO A 236 -5.42 12.30 8.45
N THR A 237 -6.34 11.57 9.09
CA THR A 237 -6.36 11.37 10.52
C THR A 237 -5.97 9.96 10.86
N PRO A 238 -4.72 9.82 11.22
CA PRO A 238 -4.24 8.51 11.63
C PRO A 238 -4.98 8.10 12.89
N ILE A 239 -5.70 6.99 12.85
CA ILE A 239 -6.58 6.63 13.94
C ILE A 239 -6.68 5.16 14.23
N PHE A 240 -6.58 4.87 15.52
CA PHE A 240 -6.70 3.52 16.10
C PHE A 240 -8.03 3.31 16.77
N HIS A 241 -8.66 2.16 16.57
CA HIS A 241 -9.96 1.93 17.22
C HIS A 241 -9.97 0.58 17.91
N ASN A 243 -12.83 -1.84 19.67
CA ASN A 243 -14.14 -2.29 20.15
C ASN A 243 -14.00 -3.08 21.45
N HIS A 244 -14.69 -2.62 22.50
CA HIS A 244 -14.53 -3.28 23.82
C HIS A 244 -15.54 -4.44 24.05
N GLU A 245 -16.74 -4.27 23.49
CA GLU A 245 -17.65 -5.35 23.07
C GLU A 245 -16.97 -6.57 22.33
N THR A 246 -16.26 -6.31 21.23
CA THR A 246 -15.60 -7.34 20.40
C THR A 246 -14.25 -7.79 20.93
N GLY A 247 -13.51 -6.90 21.61
CA GLY A 247 -12.04 -7.02 21.73
C GLY A 247 -11.23 -6.57 20.47
N LYS A 248 -11.90 -6.49 19.31
CA LYS A 248 -11.25 -6.14 18.02
C LYS A 248 -10.42 -4.82 18.02
N GLU A 249 -9.41 -4.76 17.14
CA GLU A 249 -8.62 -3.56 16.85
C GLU A 249 -8.54 -3.33 15.33
N ASP A 250 -8.54 -2.07 14.96
CA ASP A 250 -8.52 -1.67 13.58
C ASP A 250 -7.73 -0.40 13.56
N PHE A 251 -7.36 0.03 12.36
CA PHE A 251 -6.72 1.32 12.14
C PHE A 251 -7.16 1.83 10.78
N TYR A 252 -7.05 3.13 10.60
CA TYR A 252 -7.31 3.66 9.29
C TYR A 252 -6.78 5.07 9.21
N PHE A 253 -7.13 5.79 8.16
CA PHE A 253 -6.60 7.11 7.99
C PHE A 253 -7.60 8.22 8.06
N ILE A 254 -8.86 7.88 8.28
CA ILE A 254 -9.88 8.83 8.67
C ILE A 254 -10.76 8.21 9.73
N LYS A 255 -11.64 9.01 10.34
CA LYS A 255 -12.54 8.51 11.37
C LYS A 255 -13.85 8.02 10.80
N LEU A 256 -14.20 6.78 11.08
CA LEU A 256 -15.27 6.16 10.37
C LEU A 256 -16.43 5.98 11.26
N ASN A 257 -17.58 6.46 10.83
CA ASN A 257 -18.75 6.36 11.64
C ASN A 257 -18.86 4.96 12.20
N GLN A 258 -18.06 4.05 11.67
CA GLN A 258 -18.07 2.72 12.19
C GLN A 258 -17.10 2.55 13.32
N PHE A 259 -16.47 3.62 13.73
CA PHE A 259 -15.40 3.48 14.69
C PHE A 259 -15.73 3.74 16.14
N ASN A 260 -16.81 4.40 16.50
CA ASN A 260 -17.23 4.36 17.90
C ASN A 260 -17.00 2.94 18.33
N ASP A 261 -16.48 2.63 19.51
CA ASP A 261 -16.34 3.47 20.66
C ASP A 261 -14.99 4.12 20.73
N ASP A 262 -14.04 3.40 21.31
CA ASP A 262 -12.75 3.97 21.70
C ASP A 262 -11.73 4.20 20.59
N THR A 263 -10.90 5.25 20.69
CA THR A 263 -10.01 5.58 19.62
C THR A 263 -8.95 6.58 19.97
N VAL A 264 -7.72 6.23 19.63
CA VAL A 264 -6.52 7.04 19.82
C VAL A 264 -6.14 7.49 18.41
N THR A 265 -5.76 8.76 18.22
CA THR A 265 -5.26 9.19 16.91
C THR A 265 -3.80 9.56 17.10
N TYR A 266 -3.06 9.65 15.98
CA TYR A 266 -1.60 9.86 15.99
C TYR A 266 -1.09 10.92 14.98
N ASP A 267 0.18 11.33 15.14
CA ASP A 267 0.83 12.32 14.25
C ASP A 267 0.95 11.90 12.79
N SER A 268 0.99 10.59 12.55
CA SER A 268 1.31 10.03 11.26
C SER A 268 0.82 8.58 11.17
N LEU A 269 0.78 8.11 9.93
CA LEU A 269 0.42 6.74 9.71
C LEU A 269 1.53 5.82 10.24
N ASN A 270 2.72 6.36 10.43
CA ASN A 270 3.85 5.51 10.70
C ASN A 270 3.81 5.22 12.16
N ASP A 271 3.55 6.25 12.93
CA ASP A 271 3.21 6.10 14.33
C ASP A 271 2.05 5.11 14.50
N LEU A 272 0.95 5.35 13.77
CA LEU A 272 -0.24 4.53 13.91
C LEU A 272 0.14 3.06 13.77
N LEU A 273 0.84 2.74 12.69
CA LEU A 273 1.30 1.37 12.45
C LEU A 273 2.30 0.89 13.53
N ASP A 274 3.30 1.70 13.87
CA ASP A 274 4.28 1.30 14.89
C ASP A 274 3.54 0.68 16.10
N ARG A 275 2.49 1.34 16.54
CA ARG A 275 1.72 0.89 17.68
C ARG A 275 0.97 -0.37 17.34
N PHE A 276 0.10 -0.27 16.37
CA PHE A 276 -0.76 -1.36 16.05
C PHE A 276 -0.09 -2.73 15.85
N TYR A 277 1.17 -2.77 15.43
CA TYR A 277 1.80 -4.08 15.21
C TYR A 277 2.81 -4.38 16.22
N ASP A 278 2.62 -3.85 17.42
CA ASP A 278 3.47 -4.25 18.53
C ASP A 278 3.10 -5.66 19.12
N ALA A 279 1.83 -6.11 18.97
CA ALA A 279 1.23 -7.28 19.78
C ALA A 279 1.64 -8.73 19.33
#